data_4JZT
#
_entry.id   4JZT
#
_cell.length_a   117.652
_cell.length_b   117.652
_cell.length_c   55.605
_cell.angle_alpha   90.000
_cell.angle_beta   90.000
_cell.angle_gamma   120.000
#
_symmetry.space_group_name_H-M   'P 63'
#
loop_
_entity.id
_entity.type
_entity.pdbx_description
1 polymer 'dGTP pyrophosphohydrolase'
2 non-polymer "GUANOSINE-5'-TRIPHOSPHATE"
3 water water
#
_entity_poly.entity_id   1
_entity_poly.type   'polypeptide(L)'
_entity_poly.pdbx_seq_one_letter_code
;MGSSHHHHHHSSGLVPRGSHMYEFKDYYQNTVQLSFDDQPFSDSPKHVWVICRFGGKWLLTEHEDRGYEFPGGKVEPMEC
AEEAALRAVKEETGARVKSLKYLGQYKVLGKEKVIVKNIYFADIEKLEKQADYFETKGPVLFHELPENLSRNKKFSFIMK
DSVLPISLKKLKESGWIE
;
_entity_poly.pdbx_strand_id   A,D
#
loop_
_chem_comp.id
_chem_comp.type
_chem_comp.name
_chem_comp.formula
GTP non-polymer GUANOSINE-5'-TRIPHOSPHATE 'C10 H16 N5 O14 P3'
#
# COMPACT_ATOMS: atom_id res chain seq x y z
N MET A 21 8.44 -0.38 -6.34
CA MET A 21 7.17 0.34 -6.30
C MET A 21 6.08 -0.39 -5.49
N TYR A 22 4.89 0.22 -5.39
CA TYR A 22 3.74 -0.34 -4.68
C TYR A 22 2.56 -0.46 -5.64
N GLU A 23 1.90 -1.63 -5.67
CA GLU A 23 0.73 -1.84 -6.50
C GLU A 23 -0.40 -2.37 -5.64
N PHE A 24 -1.51 -1.63 -5.59
CA PHE A 24 -2.70 -1.95 -4.78
C PHE A 24 -3.97 -1.37 -5.40
N LYS A 25 -5.13 -1.69 -4.79
CA LYS A 25 -6.43 -1.21 -5.25
C LYS A 25 -6.90 -0.01 -4.43
N ASP A 26 -7.64 0.92 -5.06
CA ASP A 26 -8.18 2.10 -4.37
C ASP A 26 -9.57 1.80 -3.79
N TYR A 27 -10.31 2.85 -3.36
CA TYR A 27 -11.66 2.73 -2.81
C TYR A 27 -12.64 2.13 -3.82
N TYR A 28 -12.52 2.55 -5.11
CA TYR A 28 -13.39 2.08 -6.20
C TYR A 28 -12.77 0.93 -7.03
N GLN A 29 -11.88 0.15 -6.40
CA GLN A 29 -11.19 -1.03 -6.95
C GLN A 29 -10.36 -0.83 -8.24
N ASN A 30 -9.83 0.38 -8.42
CA ASN A 30 -8.95 0.72 -9.55
C ASN A 30 -7.51 0.46 -9.14
N THR A 31 -6.68 0.01 -10.08
CA THR A 31 -5.27 -0.29 -9.81
C THR A 31 -4.46 0.99 -9.62
N VAL A 32 -3.76 1.10 -8.49
CA VAL A 32 -2.91 2.24 -8.14
C VAL A 32 -1.46 1.79 -8.08
N GLN A 33 -0.58 2.49 -8.81
CA GLN A 33 0.86 2.21 -8.84
C GLN A 33 1.58 3.37 -8.15
N LEU A 34 2.12 3.12 -6.94
CA LEU A 34 2.81 4.11 -6.11
C LEU A 34 4.32 3.91 -6.09
N SER A 35 5.08 5.02 -6.24
CA SER A 35 6.55 5.02 -6.20
C SER A 35 7.08 6.31 -5.58
N PHE A 36 8.26 6.24 -4.93
CA PHE A 36 8.88 7.39 -4.29
C PHE A 36 10.14 7.90 -4.99
N ASP A 37 10.30 7.54 -6.28
CA ASP A 37 11.40 7.98 -7.13
C ASP A 37 10.99 9.27 -7.87
N ASP A 38 11.98 10.01 -8.42
CA ASP A 38 11.74 11.27 -9.13
C ASP A 38 11.01 11.08 -10.47
N GLN A 39 9.66 11.16 -10.42
CA GLN A 39 8.71 11.05 -11.54
C GLN A 39 8.95 9.80 -12.43
N PRO A 40 8.69 8.57 -11.93
CA PRO A 40 8.94 7.38 -12.78
C PRO A 40 7.86 7.05 -13.81
N PHE A 41 6.58 7.30 -13.49
CA PHE A 41 5.45 7.00 -14.37
C PHE A 41 5.32 7.97 -15.53
N SER A 42 5.53 9.27 -15.28
CA SER A 42 5.46 10.35 -16.27
C SER A 42 6.27 11.56 -15.84
N ASP A 43 6.96 12.21 -16.79
CA ASP A 43 7.73 13.41 -16.54
C ASP A 43 6.85 14.67 -16.61
N SER A 44 5.64 14.52 -17.17
CA SER A 44 4.64 15.57 -17.30
C SER A 44 3.34 15.13 -16.58
N PRO A 45 3.28 15.22 -15.22
CA PRO A 45 2.05 14.80 -14.53
C PRO A 45 0.94 15.84 -14.62
N LYS A 46 -0.28 15.39 -14.95
CA LYS A 46 -1.46 16.24 -15.10
C LYS A 46 -2.14 16.58 -13.77
N HIS A 47 -1.80 15.84 -12.69
CA HIS A 47 -2.40 16.01 -11.37
C HIS A 47 -1.36 16.17 -10.25
N VAL A 48 -1.75 16.89 -9.17
CA VAL A 48 -0.90 17.10 -7.98
C VAL A 48 -1.68 16.81 -6.69
N TRP A 49 -0.95 16.41 -5.62
CA TRP A 49 -1.51 16.11 -4.31
C TRP A 49 -0.54 16.60 -3.25
N VAL A 50 -0.99 17.53 -2.39
CA VAL A 50 -0.15 18.17 -1.38
C VAL A 50 -0.49 17.81 0.07
N ILE A 51 0.42 17.06 0.75
CA ILE A 51 0.28 16.71 2.16
C ILE A 51 0.80 17.94 2.93
N CYS A 52 -0.12 18.71 3.52
CA CYS A 52 0.19 19.95 4.22
C CYS A 52 0.30 19.81 5.73
N ARG A 53 1.19 20.59 6.35
CA ARG A 53 1.43 20.61 7.79
C ARG A 53 1.68 22.04 8.28
N PHE A 54 0.82 22.53 9.19
CA PHE A 54 0.91 23.86 9.78
C PHE A 54 1.46 23.73 11.22
N GLY A 55 2.76 23.47 11.30
CA GLY A 55 3.47 23.27 12.56
C GLY A 55 3.37 21.85 13.05
N GLY A 56 2.44 21.63 13.98
CA GLY A 56 2.18 20.32 14.57
C GLY A 56 0.82 19.75 14.22
N LYS A 57 0.10 20.43 13.30
CA LYS A 57 -1.24 20.04 12.84
C LYS A 57 -1.26 19.82 11.33
N TRP A 58 -2.07 18.86 10.87
CA TRP A 58 -2.25 18.56 9.44
C TRP A 58 -3.23 19.56 8.84
N LEU A 59 -2.86 20.19 7.72
CA LEU A 59 -3.74 21.12 7.04
C LEU A 59 -4.45 20.39 5.90
N LEU A 60 -5.79 20.33 6.00
CA LEU A 60 -6.68 19.67 5.05
C LEU A 60 -7.71 20.66 4.48
N THR A 61 -8.45 20.21 3.45
CA THR A 61 -9.51 21.00 2.81
C THR A 61 -10.82 20.19 2.81
N GLU A 62 -11.96 20.88 2.70
CA GLU A 62 -13.26 20.21 2.68
C GLU A 62 -13.95 20.42 1.34
N HIS A 63 -13.82 19.44 0.43
CA HIS A 63 -14.47 19.47 -0.89
C HIS A 63 -15.97 19.31 -0.69
N GLU A 64 -16.77 20.17 -1.36
CA GLU A 64 -18.25 20.19 -1.28
C GLU A 64 -18.93 18.83 -1.52
N ASP A 65 -18.31 17.95 -2.33
CA ASP A 65 -18.84 16.63 -2.65
C ASP A 65 -18.11 15.50 -1.91
N ARG A 66 -16.78 15.45 -2.07
CA ARG A 66 -15.91 14.42 -1.49
C ARG A 66 -15.79 14.48 0.04
N GLY A 67 -15.41 15.64 0.57
CA GLY A 67 -15.25 15.85 2.00
C GLY A 67 -13.83 16.22 2.40
N TYR A 68 -13.35 15.69 3.53
CA TYR A 68 -12.00 15.98 4.03
C TYR A 68 -10.91 15.29 3.23
N GLU A 69 -9.97 16.10 2.70
CA GLU A 69 -8.81 15.66 1.89
C GLU A 69 -7.69 16.68 1.91
N PHE A 70 -6.46 16.24 1.60
CA PHE A 70 -5.30 17.12 1.51
C PHE A 70 -5.41 17.92 0.19
N PRO A 71 -4.95 19.20 0.13
CA PRO A 71 -5.09 19.98 -1.11
C PRO A 71 -4.46 19.34 -2.35
N GLY A 72 -5.12 19.53 -3.49
CA GLY A 72 -4.68 19.00 -4.77
C GLY A 72 -5.43 19.57 -5.96
N GLY A 73 -5.20 19.00 -7.13
CA GLY A 73 -5.86 19.43 -8.36
C GLY A 73 -5.07 19.21 -9.63
N LYS A 74 -5.69 19.53 -10.77
CA LYS A 74 -5.10 19.42 -12.10
C LYS A 74 -4.14 20.55 -12.41
N VAL A 75 -3.13 20.28 -13.25
CA VAL A 75 -2.14 21.29 -13.67
C VAL A 75 -2.75 22.11 -14.82
N GLU A 76 -2.83 23.45 -14.64
CA GLU A 76 -3.40 24.39 -15.60
C GLU A 76 -2.42 24.74 -16.76
N PRO A 77 -2.80 25.50 -17.83
CA PRO A 77 -1.83 25.79 -18.91
C PRO A 77 -0.71 26.72 -18.46
N MET A 78 0.50 26.52 -19.04
CA MET A 78 1.74 27.26 -18.73
C MET A 78 2.06 27.23 -17.23
N GLU A 79 1.88 26.05 -16.63
CA GLU A 79 2.06 25.76 -15.22
C GLU A 79 2.78 24.42 -15.09
N CYS A 80 3.67 24.30 -14.10
CA CYS A 80 4.36 23.06 -13.82
C CYS A 80 3.72 22.42 -12.58
N ALA A 81 4.11 21.18 -12.22
CA ALA A 81 3.56 20.47 -11.06
C ALA A 81 3.74 21.24 -9.74
N GLU A 82 4.94 21.83 -9.53
CA GLU A 82 5.27 22.61 -8.34
C GLU A 82 4.43 23.89 -8.24
N GLU A 83 4.18 24.55 -9.38
CA GLU A 83 3.35 25.77 -9.46
C GLU A 83 1.89 25.42 -9.14
N ALA A 84 1.39 24.30 -9.69
CA ALA A 84 0.03 23.77 -9.49
C ALA A 84 -0.21 23.38 -8.03
N ALA A 85 0.85 22.89 -7.34
CA ALA A 85 0.80 22.47 -5.93
C ALA A 85 0.60 23.69 -5.02
N LEU A 86 1.37 24.78 -5.25
CA LEU A 86 1.29 26.03 -4.48
C LEU A 86 -0.06 26.72 -4.70
N ARG A 87 -0.58 26.67 -5.95
CA ARG A 87 -1.87 27.25 -6.33
C ARG A 87 -3.02 26.51 -5.65
N ALA A 88 -3.00 25.16 -5.67
CA ALA A 88 -4.01 24.29 -5.04
C ALA A 88 -4.12 24.55 -3.53
N VAL A 89 -2.98 24.78 -2.86
CA VAL A 89 -2.89 25.10 -1.42
C VAL A 89 -3.59 26.44 -1.15
N LYS A 90 -3.30 27.47 -1.99
CA LYS A 90 -3.88 28.81 -1.88
C LYS A 90 -5.38 28.82 -2.26
N GLU A 91 -5.74 28.08 -3.31
CA GLU A 91 -7.13 27.98 -3.80
C GLU A 91 -8.05 27.23 -2.85
N GLU A 92 -7.54 26.20 -2.15
CA GLU A 92 -8.34 25.35 -1.25
C GLU A 92 -8.20 25.63 0.24
N THR A 93 -7.00 26.04 0.71
CA THR A 93 -6.77 26.33 2.13
C THR A 93 -6.38 27.79 2.42
N GLY A 94 -5.96 28.52 1.38
CA GLY A 94 -5.53 29.91 1.49
C GLY A 94 -4.24 30.09 2.28
N ALA A 95 -3.36 29.09 2.20
CA ALA A 95 -2.10 29.07 2.93
C ALA A 95 -0.88 29.34 2.05
N ARG A 96 0.16 29.93 2.65
CA ARG A 96 1.43 30.21 1.99
C ARG A 96 2.44 29.17 2.44
N VAL A 97 3.03 28.46 1.47
CA VAL A 97 3.99 27.38 1.71
C VAL A 97 5.39 27.96 1.98
N LYS A 98 6.03 27.51 3.08
CA LYS A 98 7.39 27.90 3.45
C LYS A 98 8.36 27.11 2.59
N SER A 99 8.19 25.77 2.53
CA SER A 99 9.03 24.86 1.75
C SER A 99 8.25 23.69 1.16
N LEU A 100 8.07 23.70 -0.19
CA LEU A 100 7.38 22.64 -0.91
C LEU A 100 8.43 21.62 -1.37
N LYS A 101 8.28 20.35 -0.94
CA LYS A 101 9.21 19.27 -1.26
C LYS A 101 8.52 18.10 -1.93
N TYR A 102 9.10 17.59 -3.04
CA TYR A 102 8.59 16.45 -3.79
C TYR A 102 8.78 15.17 -2.97
N LEU A 103 7.68 14.43 -2.72
CA LEU A 103 7.71 13.18 -1.95
C LEU A 103 7.76 11.94 -2.87
N GLY A 104 6.78 11.84 -3.77
CA GLY A 104 6.68 10.74 -4.72
C GLY A 104 5.68 11.00 -5.82
N GLN A 105 5.24 9.93 -6.50
CA GLN A 105 4.28 10.00 -7.60
C GLN A 105 3.48 8.71 -7.70
N TYR A 106 2.20 8.81 -8.08
CA TYR A 106 1.34 7.64 -8.27
C TYR A 106 0.52 7.67 -9.55
N LYS A 107 0.20 6.48 -10.06
CA LYS A 107 -0.56 6.29 -11.28
C LYS A 107 -1.84 5.54 -10.95
N VAL A 108 -2.99 6.12 -11.34
CA VAL A 108 -4.30 5.51 -11.11
C VAL A 108 -4.81 4.98 -12.45
N LEU A 109 -5.02 3.66 -12.52
CA LEU A 109 -5.48 2.98 -13.73
C LEU A 109 -7.00 2.76 -13.67
N GLY A 110 -7.73 3.78 -14.11
CA GLY A 110 -9.19 3.77 -14.15
C GLY A 110 -9.74 2.94 -15.30
N LYS A 111 -11.08 2.85 -15.40
CA LYS A 111 -11.78 2.09 -16.44
C LYS A 111 -11.47 2.59 -17.86
N GLU A 112 -11.38 3.92 -18.04
CA GLU A 112 -11.08 4.53 -19.33
C GLU A 112 -9.80 5.38 -19.27
N LYS A 113 -9.78 6.40 -18.40
CA LYS A 113 -8.66 7.33 -18.24
C LYS A 113 -7.65 6.90 -17.18
N VAL A 114 -6.36 7.19 -17.44
CA VAL A 114 -5.26 6.95 -16.50
C VAL A 114 -4.70 8.29 -16.03
N ILE A 115 -4.56 8.44 -14.71
CA ILE A 115 -4.12 9.68 -14.08
C ILE A 115 -2.77 9.51 -13.39
N VAL A 116 -1.83 10.43 -13.64
CA VAL A 116 -0.51 10.45 -13.00
C VAL A 116 -0.49 11.63 -12.02
N LYS A 117 -0.57 11.34 -10.71
CA LYS A 117 -0.63 12.31 -9.63
C LYS A 117 0.69 12.42 -8.87
N ASN A 118 1.20 13.66 -8.74
CA ASN A 118 2.46 13.97 -8.06
C ASN A 118 2.19 14.24 -6.57
N ILE A 119 2.97 13.62 -5.67
CA ILE A 119 2.82 13.83 -4.23
C ILE A 119 3.85 14.87 -3.77
N TYR A 120 3.36 15.89 -3.05
CA TYR A 120 4.18 16.98 -2.52
C TYR A 120 3.93 17.17 -1.03
N PHE A 121 4.98 17.58 -0.30
CA PHE A 121 4.87 17.92 1.12
C PHE A 121 5.05 19.42 1.25
N ALA A 122 4.13 20.07 1.98
CA ALA A 122 4.17 21.50 2.16
C ALA A 122 4.20 21.89 3.63
N ASP A 123 5.30 22.55 4.06
CA ASP A 123 5.44 23.07 5.41
C ASP A 123 4.80 24.44 5.37
N ILE A 124 3.64 24.58 6.03
CA ILE A 124 2.85 25.80 6.02
C ILE A 124 3.44 26.91 6.89
N GLU A 125 3.71 28.08 6.27
CA GLU A 125 4.27 29.27 6.91
C GLU A 125 3.16 30.05 7.61
N LYS A 126 2.03 30.29 6.90
CA LYS A 126 0.87 31.04 7.39
C LYS A 126 -0.43 30.67 6.65
N LEU A 127 -1.59 31.01 7.24
CA LEU A 127 -2.93 30.78 6.67
C LEU A 127 -3.62 32.13 6.51
N GLU A 128 -3.81 32.58 5.26
CA GLU A 128 -4.43 33.87 4.95
C GLU A 128 -5.89 33.76 4.48
N LYS A 129 -6.63 34.88 4.52
CA LYS A 129 -8.04 34.97 4.13
C LYS A 129 -8.23 34.81 2.61
N GLN A 130 -9.34 34.20 2.20
CA GLN A 130 -9.69 33.96 0.79
C GLN A 130 -11.04 34.55 0.42
N ALA A 131 -11.15 35.05 -0.82
CA ALA A 131 -12.37 35.64 -1.36
C ALA A 131 -13.33 34.57 -1.91
N ASP A 132 -12.78 33.53 -2.58
CA ASP A 132 -13.57 32.45 -3.19
C ASP A 132 -13.06 31.06 -2.82
N TYR A 133 -14.01 30.11 -2.69
CA TYR A 133 -13.75 28.69 -2.41
C TYR A 133 -13.98 27.91 -3.70
N PHE A 134 -12.89 27.39 -4.29
CA PHE A 134 -12.93 26.65 -5.56
C PHE A 134 -13.37 25.20 -5.31
N GLU A 135 -14.71 24.97 -5.29
CA GLU A 135 -15.39 23.68 -5.03
C GLU A 135 -15.09 23.15 -3.61
N THR A 136 -14.44 23.98 -2.78
CA THR A 136 -14.05 23.67 -1.41
C THR A 136 -14.89 24.42 -0.36
N LYS A 137 -14.60 24.21 0.93
CA LYS A 137 -15.27 24.87 2.05
C LYS A 137 -14.28 25.56 3.00
N GLY A 138 -13.04 25.69 2.53
CA GLY A 138 -11.97 26.35 3.28
C GLY A 138 -10.98 25.42 3.96
N PRO A 139 -10.01 25.98 4.72
CA PRO A 139 -9.02 25.13 5.40
C PRO A 139 -9.57 24.40 6.62
N VAL A 140 -8.99 23.22 6.92
CA VAL A 140 -9.33 22.38 8.07
C VAL A 140 -8.04 21.95 8.77
N LEU A 141 -8.00 22.09 10.11
CA LEU A 141 -6.82 21.72 10.90
C LEU A 141 -7.11 20.54 11.80
N PHE A 142 -6.31 19.47 11.67
CA PHE A 142 -6.40 18.24 12.47
C PHE A 142 -5.09 18.01 13.21
N HIS A 143 -5.14 17.81 14.54
CA HIS A 143 -3.96 17.56 15.36
C HIS A 143 -3.38 16.18 15.03
N GLU A 144 -4.29 15.22 14.76
CA GLU A 144 -3.97 13.84 14.37
C GLU A 144 -5.16 13.27 13.58
N LEU A 145 -4.85 12.60 12.46
CA LEU A 145 -5.83 11.99 11.55
C LEU A 145 -6.57 10.80 12.18
N PRO A 146 -7.91 10.66 11.96
CA PRO A 146 -8.66 9.53 12.54
C PRO A 146 -8.12 8.12 12.25
N GLU A 147 -8.37 7.18 13.18
CA GLU A 147 -7.93 5.78 13.17
C GLU A 147 -8.25 4.97 11.89
N ASN A 148 -9.44 5.19 11.30
CA ASN A 148 -9.86 4.51 10.07
C ASN A 148 -10.59 5.46 9.14
N LEU A 149 -9.89 5.92 8.08
CA LEU A 149 -10.43 6.85 7.10
C LEU A 149 -11.33 6.18 6.08
N SER A 150 -11.06 4.90 5.75
CA SER A 150 -11.86 4.10 4.81
C SER A 150 -13.30 3.89 5.28
N ARG A 151 -13.51 3.98 6.62
CA ARG A 151 -14.81 3.83 7.28
C ARG A 151 -15.48 5.21 7.49
N ASN A 152 -14.68 6.27 7.74
CA ASN A 152 -15.12 7.65 7.98
C ASN A 152 -15.77 8.29 6.75
N LYS A 153 -17.09 8.54 6.80
CA LYS A 153 -17.88 9.14 5.72
C LYS A 153 -17.59 10.63 5.47
N LYS A 154 -17.02 11.34 6.47
CA LYS A 154 -16.68 12.76 6.38
C LYS A 154 -15.47 13.02 5.48
N PHE A 155 -14.61 12.00 5.30
CA PHE A 155 -13.40 12.07 4.49
C PHE A 155 -13.64 11.73 3.01
N SER A 156 -12.71 12.13 2.15
CA SER A 156 -12.73 11.89 0.70
C SER A 156 -12.18 10.51 0.39
N PHE A 157 -12.57 9.93 -0.78
CA PHE A 157 -12.12 8.62 -1.24
C PHE A 157 -10.60 8.55 -1.49
N ILE A 158 -9.98 9.71 -1.82
CA ILE A 158 -8.55 9.84 -2.09
C ILE A 158 -7.69 9.61 -0.82
N MET A 159 -8.34 9.69 0.36
CA MET A 159 -7.77 9.48 1.68
C MET A 159 -8.08 8.04 2.16
N LYS A 160 -8.94 7.32 1.41
CA LYS A 160 -9.41 5.98 1.74
C LYS A 160 -8.69 4.82 1.04
N ASP A 161 -7.40 5.01 0.68
CA ASP A 161 -6.57 3.98 0.04
C ASP A 161 -5.20 3.90 0.72
N SER A 162 -4.27 3.10 0.15
CA SER A 162 -2.93 2.93 0.73
C SER A 162 -1.93 4.03 0.37
N VAL A 163 -2.31 4.95 -0.55
CA VAL A 163 -1.46 6.08 -0.96
C VAL A 163 -1.12 6.93 0.28
N LEU A 164 -2.15 7.30 1.08
CA LEU A 164 -2.03 8.10 2.30
C LEU A 164 -1.13 7.45 3.39
N PRO A 165 -1.38 6.21 3.92
CA PRO A 165 -0.48 5.68 4.96
C PRO A 165 0.98 5.45 4.56
N ILE A 166 1.23 4.94 3.33
CA ILE A 166 2.58 4.68 2.81
C ILE A 166 3.37 6.00 2.70
N SER A 167 2.73 7.05 2.15
CA SER A 167 3.31 8.39 1.99
C SER A 167 3.65 9.03 3.34
N LEU A 168 2.78 8.86 4.35
CA LEU A 168 2.99 9.40 5.70
C LEU A 168 4.19 8.75 6.39
N LYS A 169 4.38 7.42 6.20
CA LYS A 169 5.51 6.68 6.75
C LYS A 169 6.82 7.13 6.10
N LYS A 170 6.81 7.31 4.80
CA LYS A 170 7.95 7.82 4.08
C LYS A 170 8.20 9.24 4.52
N LEU A 171 7.13 9.99 4.68
CA LEU A 171 7.29 11.35 5.11
C LEU A 171 7.86 11.38 6.50
N LYS A 172 7.41 10.46 7.32
CA LYS A 172 7.86 10.41 8.69
C LYS A 172 9.34 10.18 8.73
N GLU A 173 9.81 9.31 7.86
CA GLU A 173 11.21 8.97 7.85
C GLU A 173 12.01 9.93 7.03
N SER A 174 11.37 10.91 6.43
CA SER A 174 12.09 11.74 5.51
C SER A 174 13.34 12.31 6.16
N GLY A 175 13.22 12.84 7.37
CA GLY A 175 11.96 13.13 7.99
C GLY A 175 12.01 14.62 8.15
N TRP A 176 11.00 15.30 7.65
CA TRP A 176 10.96 16.75 7.65
C TRP A 176 9.93 17.30 8.61
N ILE A 177 9.42 16.43 9.45
CA ILE A 177 8.35 16.80 10.39
C ILE A 177 8.85 17.76 11.48
N GLU A 178 9.72 17.26 12.38
CA GLU A 178 10.36 17.93 13.53
C GLU A 178 9.78 19.31 13.93
N MET B 21 -14.23 -16.56 -8.62
CA MET B 21 -13.55 -16.96 -7.39
C MET B 21 -13.37 -18.47 -7.25
N TYR B 22 -12.44 -18.89 -6.37
CA TYR B 22 -12.11 -20.29 -6.10
C TYR B 22 -12.52 -20.68 -4.68
N GLU B 23 -13.26 -21.80 -4.53
CA GLU B 23 -13.69 -22.31 -3.22
C GLU B 23 -13.20 -23.73 -3.01
N PHE B 24 -12.43 -23.95 -1.93
CA PHE B 24 -11.82 -25.23 -1.57
C PHE B 24 -11.59 -25.36 -0.05
N LYS B 25 -10.93 -26.46 0.38
CA LYS B 25 -10.58 -26.74 1.78
C LYS B 25 -9.06 -26.67 1.99
N ASP B 26 -8.62 -26.23 3.18
CA ASP B 26 -7.20 -26.13 3.53
C ASP B 26 -6.66 -27.42 4.19
N TYR B 27 -5.43 -27.36 4.75
CA TYR B 27 -4.77 -28.49 5.42
C TYR B 27 -5.49 -28.92 6.70
N TYR B 28 -6.15 -27.97 7.39
CA TYR B 28 -6.93 -28.20 8.62
C TYR B 28 -8.42 -28.45 8.29
N GLN B 29 -8.73 -28.66 6.98
CA GLN B 29 -10.07 -28.92 6.42
C GLN B 29 -11.10 -27.81 6.70
N ASN B 30 -10.67 -26.55 6.55
CA ASN B 30 -11.49 -25.35 6.76
C ASN B 30 -11.91 -24.76 5.41
N THR B 31 -13.13 -24.18 5.34
CA THR B 31 -13.68 -23.57 4.14
C THR B 31 -12.90 -22.32 3.73
N VAL B 32 -12.31 -22.32 2.52
CA VAL B 32 -11.50 -21.22 1.98
C VAL B 32 -12.14 -20.64 0.71
N GLN B 33 -12.29 -19.31 0.67
CA GLN B 33 -12.82 -18.55 -0.48
C GLN B 33 -11.69 -17.65 -0.99
N LEU B 34 -11.24 -17.86 -2.24
CA LEU B 34 -10.13 -17.13 -2.85
C LEU B 34 -10.52 -16.38 -4.13
N SER B 35 -10.20 -15.07 -4.19
CA SER B 35 -10.49 -14.20 -5.33
C SER B 35 -9.26 -13.35 -5.73
N PHE B 36 -9.10 -13.09 -7.05
CA PHE B 36 -7.96 -12.33 -7.58
C PHE B 36 -8.28 -10.97 -8.19
N ASP B 37 -7.34 -10.01 -8.04
CA ASP B 37 -7.39 -8.61 -8.52
C ASP B 37 -8.64 -7.81 -8.10
N ASP B 38 -9.08 -8.05 -6.84
CA ASP B 38 -10.23 -7.42 -6.19
C ASP B 38 -10.21 -7.71 -4.68
N GLN B 39 -10.85 -6.84 -3.88
CA GLN B 39 -10.95 -6.97 -2.43
C GLN B 39 -12.44 -7.17 -2.06
N PRO B 40 -13.03 -8.37 -2.25
CA PRO B 40 -14.46 -8.53 -1.94
C PRO B 40 -14.78 -8.86 -0.49
N PHE B 41 -14.01 -9.79 0.12
CA PHE B 41 -14.19 -10.27 1.49
C PHE B 41 -13.97 -9.19 2.55
N SER B 42 -12.93 -8.35 2.38
CA SER B 42 -12.59 -7.26 3.31
C SER B 42 -11.70 -6.21 2.67
N ASP B 43 -11.81 -4.95 3.14
CA ASP B 43 -10.98 -3.83 2.72
C ASP B 43 -10.00 -3.49 3.83
N SER B 44 -10.19 -4.13 5.01
CA SER B 44 -9.35 -4.02 6.20
C SER B 44 -8.90 -5.46 6.61
N PRO B 45 -7.93 -6.07 5.89
CA PRO B 45 -7.52 -7.44 6.25
C PRO B 45 -6.61 -7.48 7.47
N LYS B 46 -6.76 -8.53 8.30
CA LYS B 46 -5.99 -8.71 9.53
C LYS B 46 -4.68 -9.49 9.33
N HIS B 47 -4.52 -10.18 8.17
CA HIS B 47 -3.32 -10.95 7.84
C HIS B 47 -2.81 -10.68 6.43
N VAL B 48 -1.51 -10.94 6.19
CA VAL B 48 -0.83 -10.79 4.91
C VAL B 48 0.07 -11.97 4.59
N TRP B 49 0.10 -12.39 3.32
CA TRP B 49 0.94 -13.49 2.83
C TRP B 49 1.71 -12.99 1.61
N VAL B 50 3.05 -12.93 1.74
CA VAL B 50 3.94 -12.39 0.71
C VAL B 50 4.71 -13.48 -0.04
N ILE B 51 4.38 -13.68 -1.33
CA ILE B 51 5.08 -14.63 -2.21
C ILE B 51 6.31 -13.87 -2.72
N CYS B 52 7.48 -14.15 -2.13
CA CYS B 52 8.73 -13.47 -2.46
C CYS B 52 9.56 -14.18 -3.52
N ARG B 53 10.23 -13.38 -4.37
CA ARG B 53 11.11 -13.85 -5.44
C ARG B 53 12.34 -12.94 -5.53
N PHE B 54 13.53 -13.52 -5.27
CA PHE B 54 14.81 -12.82 -5.32
C PHE B 54 15.57 -13.27 -6.59
N GLY B 55 15.47 -12.45 -7.63
CA GLY B 55 16.07 -12.71 -8.93
C GLY B 55 15.29 -13.76 -9.69
N GLY B 56 15.75 -14.99 -9.61
CA GLY B 56 15.13 -16.16 -10.23
C GLY B 56 14.90 -17.28 -9.23
N LYS B 57 15.04 -16.96 -7.94
CA LYS B 57 14.87 -17.90 -6.82
C LYS B 57 13.76 -17.46 -5.88
N TRP B 58 12.94 -18.42 -5.42
CA TRP B 58 11.85 -18.16 -4.49
C TRP B 58 12.38 -17.91 -3.08
N LEU B 59 12.05 -16.74 -2.50
CA LEU B 59 12.48 -16.41 -1.14
C LEU B 59 11.43 -16.87 -0.12
N LEU B 60 11.83 -17.84 0.71
CA LEU B 60 10.99 -18.43 1.75
C LEU B 60 11.65 -18.24 3.13
N THR B 61 10.91 -18.59 4.19
CA THR B 61 11.38 -18.51 5.57
C THR B 61 11.10 -19.81 6.31
N GLU B 62 12.03 -20.22 7.17
CA GLU B 62 11.87 -21.45 7.95
C GLU B 62 11.33 -21.09 9.33
N HIS B 63 10.07 -21.47 9.60
CA HIS B 63 9.43 -21.22 10.89
C HIS B 63 9.89 -22.27 11.91
N GLU B 64 9.94 -21.89 13.21
CA GLU B 64 10.36 -22.73 14.32
C GLU B 64 9.59 -24.06 14.41
N ASP B 65 8.27 -24.03 14.18
CA ASP B 65 7.40 -25.20 14.24
C ASP B 65 6.86 -25.62 12.87
N ARG B 66 6.29 -24.66 12.12
CA ARG B 66 5.67 -24.87 10.80
C ARG B 66 6.62 -25.40 9.72
N GLY B 67 7.72 -24.69 9.49
CA GLY B 67 8.74 -25.05 8.50
C GLY B 67 8.87 -24.03 7.38
N TYR B 68 9.19 -24.52 6.15
CA TYR B 68 9.35 -23.67 4.98
C TYR B 68 8.02 -23.11 4.49
N GLU B 69 7.93 -21.77 4.44
CA GLU B 69 6.74 -21.01 4.02
C GLU B 69 7.13 -19.63 3.51
N PHE B 70 6.27 -19.02 2.68
CA PHE B 70 6.48 -17.67 2.16
C PHE B 70 6.23 -16.67 3.32
N PRO B 71 7.02 -15.58 3.43
CA PRO B 71 6.82 -14.64 4.55
C PRO B 71 5.39 -14.14 4.76
N GLY B 72 4.91 -14.30 5.99
CA GLY B 72 3.58 -13.90 6.42
C GLY B 72 3.60 -13.13 7.72
N GLY B 73 2.45 -12.55 8.08
CA GLY B 73 2.31 -11.79 9.31
C GLY B 73 0.96 -11.15 9.55
N LYS B 74 0.77 -10.66 10.78
CA LYS B 74 -0.45 -10.00 11.24
C LYS B 74 -0.41 -8.51 10.88
N VAL B 75 -1.57 -7.92 10.58
CA VAL B 75 -1.70 -6.50 10.24
C VAL B 75 -2.05 -5.72 11.51
N GLU B 76 -1.14 -4.82 11.95
CA GLU B 76 -1.32 -4.00 13.16
C GLU B 76 -2.44 -2.95 12.93
N PRO B 77 -3.23 -2.58 13.97
CA PRO B 77 -4.34 -1.62 13.75
C PRO B 77 -3.96 -0.24 13.21
N MET B 78 -2.77 0.29 13.61
CA MET B 78 -2.26 1.59 13.17
C MET B 78 -1.31 1.43 11.96
N GLU B 79 -1.49 0.34 11.19
CA GLU B 79 -0.65 -0.04 10.05
C GLU B 79 -1.50 -0.57 8.89
N CYS B 80 -1.15 -0.16 7.65
CA CYS B 80 -1.85 -0.64 6.46
C CYS B 80 -1.32 -2.03 6.06
N ALA B 81 -2.10 -2.80 5.27
CA ALA B 81 -1.76 -4.14 4.80
C ALA B 81 -0.45 -4.21 4.01
N GLU B 82 -0.12 -3.14 3.26
CA GLU B 82 1.10 -3.03 2.45
C GLU B 82 2.34 -2.91 3.32
N GLU B 83 2.30 -2.06 4.36
CA GLU B 83 3.42 -1.88 5.29
C GLU B 83 3.58 -3.09 6.21
N ALA B 84 2.48 -3.84 6.44
CA ALA B 84 2.45 -5.07 7.24
C ALA B 84 3.12 -6.19 6.45
N ALA B 85 3.04 -6.14 5.11
CA ALA B 85 3.65 -7.11 4.21
C ALA B 85 5.17 -6.91 4.18
N LEU B 86 5.64 -5.63 4.07
CA LEU B 86 7.06 -5.27 4.06
C LEU B 86 7.71 -5.60 5.39
N ARG B 87 6.98 -5.36 6.51
CA ARG B 87 7.44 -5.64 7.87
C ARG B 87 7.66 -7.15 8.04
N ALA B 88 6.68 -7.97 7.59
CA ALA B 88 6.74 -9.43 7.63
C ALA B 88 7.96 -9.99 6.87
N VAL B 89 8.31 -9.38 5.72
CA VAL B 89 9.46 -9.76 4.88
C VAL B 89 10.75 -9.45 5.64
N LYS B 90 10.89 -8.21 6.16
CA LYS B 90 12.05 -7.77 6.94
C LYS B 90 12.21 -8.57 8.24
N GLU B 91 11.09 -8.91 8.92
CA GLU B 91 11.10 -9.69 10.17
C GLU B 91 11.50 -11.15 9.95
N GLU B 92 10.94 -11.81 8.93
CA GLU B 92 11.16 -13.23 8.64
C GLU B 92 12.33 -13.58 7.70
N THR B 93 12.71 -12.67 6.78
CA THR B 93 13.82 -12.92 5.84
C THR B 93 14.95 -11.88 5.89
N GLY B 94 14.69 -10.75 6.53
CA GLY B 94 15.66 -9.65 6.63
C GLY B 94 15.90 -8.95 5.31
N ALA B 95 15.00 -9.21 4.34
CA ALA B 95 15.05 -8.70 2.97
C ALA B 95 14.32 -7.38 2.75
N ARG B 96 14.81 -6.60 1.77
CA ARG B 96 14.24 -5.32 1.35
C ARG B 96 13.53 -5.52 0.01
N VAL B 97 12.26 -5.11 -0.06
CA VAL B 97 11.39 -5.28 -1.23
C VAL B 97 11.61 -4.15 -2.24
N LYS B 98 11.85 -4.52 -3.51
CA LYS B 98 12.02 -3.59 -4.62
C LYS B 98 10.62 -3.16 -5.10
N SER B 99 9.70 -4.14 -5.27
CA SER B 99 8.33 -3.92 -5.72
C SER B 99 7.34 -4.86 -5.04
N LEU B 100 6.31 -4.29 -4.39
CA LEU B 100 5.24 -5.03 -3.71
C LEU B 100 3.96 -4.84 -4.51
N LYS B 101 3.48 -5.91 -5.16
CA LYS B 101 2.29 -5.87 -6.01
C LYS B 101 1.17 -6.75 -5.46
N TYR B 102 -0.04 -6.18 -5.34
CA TYR B 102 -1.24 -6.88 -4.84
C TYR B 102 -1.71 -7.92 -5.87
N LEU B 103 -1.79 -9.19 -5.44
CA LEU B 103 -2.22 -10.29 -6.30
C LEU B 103 -3.69 -10.64 -6.07
N GLY B 104 -3.99 -11.19 -4.91
CA GLY B 104 -5.35 -11.58 -4.54
C GLY B 104 -5.65 -11.47 -3.06
N GLN B 105 -6.74 -12.13 -2.64
CA GLN B 105 -7.20 -12.14 -1.25
C GLN B 105 -7.97 -13.44 -0.96
N TYR B 106 -7.76 -14.02 0.24
CA TYR B 106 -8.46 -15.23 0.63
C TYR B 106 -9.08 -15.19 2.02
N LYS B 107 -10.35 -15.60 2.09
CA LYS B 107 -11.16 -15.63 3.31
C LYS B 107 -11.33 -17.07 3.79
N VAL B 108 -10.87 -17.35 5.01
CA VAL B 108 -10.99 -18.68 5.62
C VAL B 108 -11.90 -18.62 6.86
N LEU B 109 -13.11 -19.17 6.70
CA LEU B 109 -14.17 -19.21 7.72
C LEU B 109 -13.79 -20.07 8.92
N GLY B 110 -13.10 -21.19 8.65
CA GLY B 110 -12.66 -22.14 9.66
C GLY B 110 -13.81 -22.93 10.25
N LYS B 111 -13.98 -22.84 11.57
CA LYS B 111 -15.05 -23.49 12.30
C LYS B 111 -15.88 -22.47 13.09
N GLU B 112 -15.20 -21.49 13.75
CA GLU B 112 -15.82 -20.44 14.54
C GLU B 112 -15.16 -19.06 14.37
N LYS B 113 -13.87 -19.02 13.96
CA LYS B 113 -13.10 -17.79 13.77
C LYS B 113 -12.84 -17.47 12.28
N VAL B 114 -13.34 -16.30 11.82
CA VAL B 114 -13.21 -15.81 10.44
C VAL B 114 -12.02 -14.84 10.29
N ILE B 115 -11.07 -15.17 9.38
CA ILE B 115 -9.88 -14.36 9.10
C ILE B 115 -9.69 -14.11 7.60
N VAL B 116 -9.24 -12.90 7.24
CA VAL B 116 -9.00 -12.48 5.85
C VAL B 116 -7.51 -12.18 5.63
N LYS B 117 -6.90 -12.86 4.64
CA LYS B 117 -5.48 -12.71 4.30
C LYS B 117 -5.28 -12.10 2.91
N ASN B 118 -4.33 -11.15 2.81
CA ASN B 118 -3.98 -10.45 1.56
C ASN B 118 -2.76 -11.10 0.91
N ILE B 119 -2.86 -11.42 -0.39
CA ILE B 119 -1.78 -12.05 -1.16
C ILE B 119 -1.01 -11.00 -1.97
N TYR B 120 0.30 -10.85 -1.67
CA TYR B 120 1.19 -9.92 -2.34
C TYR B 120 2.36 -10.63 -3.01
N PHE B 121 2.82 -10.08 -4.15
CA PHE B 121 4.01 -10.56 -4.83
C PHE B 121 5.12 -9.57 -4.52
N ALA B 122 6.29 -10.07 -4.09
CA ALA B 122 7.41 -9.22 -3.78
C ALA B 122 8.67 -9.58 -4.55
N ASP B 123 9.14 -8.65 -5.38
CA ASP B 123 10.38 -8.80 -6.12
C ASP B 123 11.44 -8.23 -5.18
N ILE B 124 12.30 -9.10 -4.65
CA ILE B 124 13.31 -8.73 -3.67
C ILE B 124 14.48 -7.95 -4.28
N GLU B 125 14.76 -6.77 -3.70
CA GLU B 125 15.86 -5.88 -4.09
C GLU B 125 17.16 -6.45 -3.54
N LYS B 126 17.21 -6.70 -2.21
CA LYS B 126 18.37 -7.21 -1.50
C LYS B 126 17.99 -7.94 -0.20
N LEU B 127 18.93 -8.74 0.34
CA LEU B 127 18.77 -9.47 1.61
C LEU B 127 19.79 -8.88 2.59
N GLU B 128 19.30 -8.23 3.66
CA GLU B 128 20.16 -7.60 4.67
C GLU B 128 20.32 -8.44 5.93
N LYS B 129 21.40 -8.17 6.68
CA LYS B 129 21.72 -8.87 7.93
C LYS B 129 20.78 -8.42 9.04
N GLN B 130 20.37 -9.36 9.92
CA GLN B 130 19.46 -9.09 11.03
C GLN B 130 19.78 -9.91 12.28
N ALA B 131 19.62 -9.29 13.46
CA ALA B 131 19.87 -9.94 14.76
C ALA B 131 18.70 -10.85 15.15
N ASP B 132 17.47 -10.28 15.29
CA ASP B 132 16.26 -11.03 15.63
C ASP B 132 15.49 -11.42 14.37
N TYR B 133 14.96 -12.65 14.35
CA TYR B 133 14.19 -13.16 13.21
C TYR B 133 12.70 -13.43 13.49
N PHE B 134 12.25 -13.15 14.74
CA PHE B 134 10.86 -13.29 15.21
C PHE B 134 10.29 -14.71 15.03
N GLU B 135 10.75 -15.65 15.88
CA GLU B 135 10.34 -17.07 15.90
C GLU B 135 10.61 -17.81 14.57
N THR B 136 11.65 -17.38 13.84
CA THR B 136 12.06 -17.97 12.55
C THR B 136 13.57 -18.25 12.49
N LYS B 137 13.98 -19.23 11.67
CA LYS B 137 15.38 -19.64 11.51
C LYS B 137 16.18 -18.81 10.50
N GLY B 138 15.49 -17.96 9.73
CA GLY B 138 16.13 -17.08 8.76
C GLY B 138 15.64 -17.22 7.33
N PRO B 139 16.30 -16.54 6.35
CA PRO B 139 15.86 -16.63 4.96
C PRO B 139 16.32 -17.91 4.24
N VAL B 140 15.41 -18.51 3.46
CA VAL B 140 15.67 -19.75 2.70
C VAL B 140 15.45 -19.48 1.21
N LEU B 141 16.43 -19.84 0.37
CA LEU B 141 16.36 -19.67 -1.08
C LEU B 141 16.20 -21.00 -1.81
N PHE B 142 15.19 -21.07 -2.70
CA PHE B 142 14.88 -22.24 -3.52
C PHE B 142 14.90 -21.85 -5.00
N HIS B 143 15.58 -22.65 -5.85
CA HIS B 143 15.65 -22.42 -7.29
C HIS B 143 14.29 -22.74 -7.92
N GLU B 144 13.61 -23.76 -7.38
CA GLU B 144 12.27 -24.23 -7.76
C GLU B 144 11.63 -24.98 -6.60
N LEU B 145 10.32 -24.79 -6.39
CA LEU B 145 9.57 -25.41 -5.30
C LEU B 145 9.37 -26.92 -5.49
N PRO B 146 9.54 -27.74 -4.41
CA PRO B 146 9.38 -29.21 -4.53
C PRO B 146 8.08 -29.68 -5.18
N GLU B 147 8.15 -30.77 -5.96
CA GLU B 147 6.96 -31.26 -6.65
C GLU B 147 5.78 -31.76 -5.79
N ASN B 148 6.07 -32.57 -4.77
CA ASN B 148 5.00 -33.15 -3.95
C ASN B 148 4.18 -32.16 -3.11
N LEU B 149 4.87 -31.26 -2.42
CA LEU B 149 4.25 -30.21 -1.60
C LEU B 149 3.51 -30.72 -0.35
N SER B 150 2.44 -31.50 -0.56
CA SER B 150 1.60 -32.00 0.52
C SER B 150 2.25 -33.01 1.49
N ARG B 151 3.01 -33.94 0.93
CA ARG B 151 3.64 -35.03 1.69
C ARG B 151 4.88 -34.56 2.48
N ASN B 152 5.59 -33.53 1.95
CA ASN B 152 6.80 -32.93 2.53
C ASN B 152 6.58 -32.43 3.96
N LYS B 153 7.44 -32.88 4.90
CA LYS B 153 7.37 -32.54 6.32
C LYS B 153 8.18 -31.30 6.71
N LYS B 154 9.15 -30.91 5.85
CA LYS B 154 9.99 -29.72 6.07
C LYS B 154 9.24 -28.42 5.76
N PHE B 155 8.13 -28.51 5.02
CA PHE B 155 7.28 -27.37 4.63
C PHE B 155 6.13 -27.12 5.60
N SER B 156 5.50 -25.92 5.50
CA SER B 156 4.38 -25.50 6.35
C SER B 156 3.04 -25.93 5.75
N PHE B 157 1.99 -26.01 6.59
CA PHE B 157 0.62 -26.38 6.19
C PHE B 157 -0.03 -25.36 5.25
N ILE B 158 0.44 -24.10 5.31
CA ILE B 158 0.00 -22.98 4.47
C ILE B 158 0.36 -23.28 3.01
N MET B 159 1.52 -23.93 2.80
CA MET B 159 2.04 -24.33 1.48
C MET B 159 1.35 -25.60 0.95
N LYS B 160 0.69 -26.37 1.84
CA LYS B 160 0.06 -27.65 1.52
C LYS B 160 -1.47 -27.58 1.25
N ASP B 161 -1.89 -26.60 0.43
CA ASP B 161 -3.29 -26.40 0.03
C ASP B 161 -3.39 -25.76 -1.36
N SER B 162 -4.61 -25.53 -1.87
CA SER B 162 -4.85 -24.95 -3.19
C SER B 162 -4.45 -23.48 -3.37
N VAL B 163 -4.26 -22.71 -2.26
CA VAL B 163 -3.85 -21.29 -2.31
C VAL B 163 -2.56 -21.13 -3.10
N LEU B 164 -1.53 -21.94 -2.76
CA LEU B 164 -0.20 -21.93 -3.38
C LEU B 164 -0.21 -22.22 -4.91
N PRO B 165 -0.72 -23.38 -5.45
CA PRO B 165 -0.68 -23.58 -6.91
C PRO B 165 -1.52 -22.62 -7.75
N ILE B 166 -2.65 -22.12 -7.20
CA ILE B 166 -3.54 -21.18 -7.89
C ILE B 166 -2.89 -19.78 -7.98
N SER B 167 -2.30 -19.30 -6.87
CA SER B 167 -1.61 -18.01 -6.80
C SER B 167 -0.40 -17.95 -7.74
N LEU B 168 0.33 -19.07 -7.87
CA LEU B 168 1.49 -19.17 -8.77
C LEU B 168 1.08 -19.20 -10.23
N LYS B 169 -0.10 -19.81 -10.53
CA LYS B 169 -0.68 -19.88 -11.87
C LYS B 169 -1.09 -18.45 -12.27
N LYS B 170 -1.69 -17.71 -11.32
CA LYS B 170 -2.11 -16.32 -11.49
C LYS B 170 -0.90 -15.40 -11.61
N LEU B 171 0.19 -15.70 -10.88
CA LEU B 171 1.45 -14.94 -10.92
C LEU B 171 2.16 -15.15 -12.26
N LYS B 172 2.02 -16.34 -12.86
CA LYS B 172 2.58 -16.70 -14.16
C LYS B 172 1.82 -15.95 -15.26
N GLU B 173 0.49 -15.80 -15.08
CA GLU B 173 -0.40 -15.11 -16.00
C GLU B 173 -0.38 -13.58 -15.83
N SER B 174 0.15 -13.09 -14.69
CA SER B 174 0.26 -11.65 -14.40
C SER B 174 1.42 -10.98 -15.15
N GLY B 175 2.49 -11.73 -15.38
CA GLY B 175 3.68 -11.27 -16.09
C GLY B 175 4.67 -10.48 -15.25
N TRP B 176 4.53 -10.54 -13.91
CA TRP B 176 5.41 -9.85 -12.98
C TRP B 176 6.73 -10.60 -12.77
N ILE B 177 6.68 -11.95 -12.89
CA ILE B 177 7.85 -12.84 -12.73
C ILE B 177 8.64 -12.97 -14.04
N GLU B 178 9.99 -13.05 -13.92
CA GLU B 178 10.97 -13.18 -15.02
C GLU B 178 10.70 -12.37 -16.30
PG GTP C . -10.51 15.64 -16.87
O1G GTP C . -10.58 15.73 -18.36
O2G GTP C . -9.43 14.69 -16.42
O3G GTP C . -10.22 16.96 -16.23
O3B GTP C . -11.93 15.11 -16.33
PB GTP C . -12.39 14.30 -15.15
O1B GTP C . -13.55 13.45 -15.57
O2B GTP C . -12.80 15.21 -14.04
O3A GTP C . -11.19 13.35 -14.64
PA GTP C . -10.28 13.39 -13.46
O1A GTP C . -8.95 13.96 -13.88
O2A GTP C . -10.86 14.24 -12.39
O5' GTP C . -10.05 11.90 -12.91
C5' GTP C . -11.08 11.13 -12.25
C4' GTP C . -10.60 9.71 -12.08
O4' GTP C . -9.30 9.71 -11.44
C3' GTP C . -11.49 8.79 -11.24
O3' GTP C . -11.54 7.47 -11.80
C2' GTP C . -10.82 8.83 -9.86
O2' GTP C . -11.01 7.62 -9.12
C1' GTP C . -9.35 9.00 -10.22
N9 GTP C . -8.58 9.77 -9.21
C8 GTP C . -8.36 11.11 -9.19
N7 GTP C . -7.61 11.52 -8.19
C5 GTP C . -7.33 10.35 -7.49
C6 GTP C . -6.56 10.11 -6.30
O6 GTP C . -5.97 10.96 -5.63
N1 GTP C . -6.54 8.79 -5.93
C2 GTP C . -7.18 7.77 -6.60
N2 GTP C . -7.06 6.54 -6.10
N3 GTP C . -7.90 7.96 -7.71
C4 GTP C . -7.93 9.25 -8.10
#